data_3WYN
#
_entry.id   3WYN
#
_cell.length_a   101.473
_cell.length_b   87.740
_cell.length_c   72.619
_cell.angle_alpha   90.00
_cell.angle_beta   133.35
_cell.angle_gamma   90.00
#
_symmetry.space_group_name_H-M   'C 1 2 1'
#
loop_
_entity.id
_entity.type
_entity.pdbx_description
1 polymer Esterase
2 non-polymer 'CALCIUM ION'
3 non-polymer 'NONAETHYLENE GLYCOL'
4 water water
#
_entity_poly.entity_id   1
_entity_poly.type   'polypeptide(L)'
_entity_poly.pdbx_seq_one_letter_code
;HHHHHHMSVTTPRRETSLLSRALRATAAAATAVVATVALAAPAQAANPYERGPNPTESMLEARSGPFSVSEERASRFGAD
GFGGGTIYYPRENNTYGAIAISPGYTGTQSSIAWLGERIASHGFVVIAIDTNTTLDQPDSRARQLNAALDYMLTDASSAV
RNRIDASRLAVMGHSMGGGGTLRLASQRPDLKAAIPLTPWHLNKSWRDITVPTLIIGAEYDTIASVTLHSKPFYNSIPSP
TDKAYLELDGASHFAPNITNKTIGMYSVAWLKRFVDEDTRYTQFLCPGPRTGLLSDVEEYRSTCPF
;
_entity_poly.pdbx_strand_id   A,B
#
# COMPACT_ATOMS: atom_id res chain seq x y z
N GLN A 44 -34.07 25.22 19.76
CA GLN A 44 -33.91 24.37 20.97
C GLN A 44 -34.65 23.04 20.69
N ALA A 45 -33.91 21.96 20.36
CA ALA A 45 -34.55 20.69 20.12
C ALA A 45 -33.43 19.63 20.14
N ALA A 46 -33.85 18.42 19.91
CA ALA A 46 -32.85 17.33 19.71
C ALA A 46 -32.03 17.80 18.52
N ASN A 47 -30.72 17.60 18.58
CA ASN A 47 -29.86 17.91 17.44
C ASN A 47 -30.31 17.15 16.16
N PRO A 48 -30.68 17.83 15.07
CA PRO A 48 -31.20 17.09 13.92
C PRO A 48 -30.13 16.22 13.18
N TYR A 49 -28.86 16.48 13.44
CA TYR A 49 -27.77 15.71 12.84
C TYR A 49 -27.34 14.56 13.70
N GLU A 50 -27.94 14.38 14.88
CA GLU A 50 -27.48 13.23 15.73
C GLU A 50 -27.74 11.90 15.10
N ARG A 51 -26.73 10.99 15.14
CA ARG A 51 -26.88 9.70 14.51
C ARG A 51 -26.18 8.74 15.49
N GLY A 52 -26.77 7.55 15.66
CA GLY A 52 -26.23 6.43 16.47
C GLY A 52 -26.39 6.60 17.97
N PRO A 53 -25.97 5.60 18.72
CA PRO A 53 -26.23 5.58 20.16
C PRO A 53 -25.28 6.51 20.92
N ASN A 54 -25.59 6.76 22.21
CA ASN A 54 -24.77 7.53 23.10
C ASN A 54 -23.39 6.81 23.13
N PRO A 55 -22.35 7.55 22.79
CA PRO A 55 -21.05 6.91 22.56
C PRO A 55 -20.38 6.51 23.87
N THR A 56 -19.52 5.45 23.79
CA THR A 56 -18.58 5.18 24.85
C THR A 56 -17.17 5.04 24.22
N GLU A 57 -16.16 5.09 25.07
CA GLU A 57 -14.82 4.87 24.57
C GLU A 57 -14.75 3.53 23.84
N SER A 58 -15.34 2.47 24.39
CA SER A 58 -15.18 1.22 23.76
C SER A 58 -15.81 1.15 22.38
N MET A 59 -16.97 1.81 22.19
CA MET A 59 -17.63 1.89 20.92
C MET A 59 -16.72 2.61 19.92
N LEU A 60 -15.92 3.58 20.33
CA LEU A 60 -15.12 4.40 19.42
C LEU A 60 -13.79 3.77 19.07
N GLU A 61 -13.38 2.90 19.99
CA GLU A 61 -12.15 2.11 19.79
C GLU A 61 -12.36 0.86 18.99
N ALA A 62 -13.57 0.34 18.96
CA ALA A 62 -13.87 -0.82 18.13
C ALA A 62 -13.67 -0.66 16.58
N ARG A 63 -13.51 -1.80 15.91
CA ARG A 63 -13.18 -1.82 14.51
C ARG A 63 -14.30 -1.19 13.64
N SER A 64 -15.55 -1.32 14.08
CA SER A 64 -16.65 -0.59 13.37
C SER A 64 -17.58 0.07 14.29
N GLY A 65 -18.20 1.13 13.76
CA GLY A 65 -19.33 1.78 14.42
C GLY A 65 -20.63 1.01 14.26
N PRO A 66 -21.75 1.64 14.61
CA PRO A 66 -23.09 1.04 14.63
C PRO A 66 -23.79 0.92 13.24
N PHE A 67 -23.33 1.63 12.19
CA PHE A 67 -23.93 1.54 10.86
C PHE A 67 -23.19 0.54 9.97
N SER A 68 -23.92 -0.39 9.41
CA SER A 68 -23.34 -1.24 8.34
C SER A 68 -23.21 -0.31 7.14
N VAL A 69 -22.22 -0.59 6.34
CA VAL A 69 -21.74 0.33 5.28
C VAL A 69 -21.72 -0.37 3.94
N SER A 70 -22.01 0.34 2.87
CA SER A 70 -21.82 -0.21 1.54
C SER A 70 -20.82 0.72 0.79
N GLU A 71 -20.32 0.26 -0.36
CA GLU A 71 -19.26 0.93 -1.13
C GLU A 71 -19.76 1.19 -2.51
N GLU A 72 -19.29 2.29 -3.07
CA GLU A 72 -19.50 2.59 -4.45
C GLU A 72 -18.21 3.19 -5.02
N ARG A 73 -17.80 2.73 -6.20
CA ARG A 73 -16.58 3.15 -6.78
C ARG A 73 -16.76 4.51 -7.43
N ALA A 74 -15.82 5.41 -7.19
CA ALA A 74 -15.69 6.63 -8.04
C ALA A 74 -14.63 6.23 -9.04
N SER A 75 -15.05 5.90 -10.26
CA SER A 75 -14.11 5.37 -11.25
C SER A 75 -13.05 6.40 -11.68
N ARG A 76 -11.81 5.95 -11.83
CA ARG A 76 -10.84 6.80 -12.45
C ARG A 76 -11.33 7.24 -13.83
N PHE A 77 -12.19 6.46 -14.46
CA PHE A 77 -12.68 6.82 -15.77
C PHE A 77 -13.88 7.73 -15.74
N GLY A 78 -14.36 8.06 -14.54
CA GLY A 78 -15.52 8.94 -14.36
C GLY A 78 -15.34 10.11 -13.42
N ALA A 79 -14.17 10.24 -12.83
CA ALA A 79 -13.87 11.34 -11.90
C ALA A 79 -13.09 12.47 -12.57
N ASP A 80 -13.65 13.68 -12.54
CA ASP A 80 -13.01 14.87 -13.10
C ASP A 80 -12.25 15.51 -11.95
N GLY A 81 -10.96 15.80 -12.15
CA GLY A 81 -10.19 16.53 -11.16
C GLY A 81 -9.54 15.68 -10.07
N PHE A 82 -9.80 14.38 -10.07
CA PHE A 82 -8.96 13.59 -9.15
C PHE A 82 -8.89 12.19 -9.71
N GLY A 83 -8.25 11.28 -8.99
CA GLY A 83 -8.00 9.95 -9.57
C GLY A 83 -9.03 8.87 -9.28
N GLY A 84 -10.21 9.25 -8.81
CA GLY A 84 -11.20 8.26 -8.46
C GLY A 84 -11.10 7.87 -6.97
N GLY A 85 -11.79 6.83 -6.60
CA GLY A 85 -11.84 6.47 -5.21
C GLY A 85 -12.92 5.47 -4.87
N THR A 86 -13.12 5.28 -3.58
CA THR A 86 -14.17 4.43 -3.05
C THR A 86 -14.96 5.25 -2.04
N ILE A 87 -16.27 5.39 -2.33
CA ILE A 87 -17.22 5.99 -1.40
C ILE A 87 -17.77 4.94 -0.49
N TYR A 88 -17.60 5.13 0.82
CA TYR A 88 -18.21 4.27 1.87
C TYR A 88 -19.42 5.01 2.42
N TYR A 89 -20.57 4.35 2.50
CA TYR A 89 -21.77 5.06 3.01
C TYR A 89 -22.64 4.15 3.85
N PRO A 90 -23.33 4.72 4.85
CA PRO A 90 -24.22 3.92 5.67
C PRO A 90 -25.40 3.39 4.85
N ARG A 91 -25.70 2.12 5.05
CA ARG A 91 -26.84 1.52 4.34
C ARG A 91 -28.13 2.17 4.77
N GLU A 92 -28.23 2.48 6.08
CA GLU A 92 -29.41 3.30 6.51
C GLU A 92 -29.63 4.59 5.73
N ASN A 93 -30.82 4.71 5.18
CA ASN A 93 -31.25 5.86 4.43
C ASN A 93 -31.55 6.99 5.43
N ASN A 94 -30.56 7.86 5.61
CA ASN A 94 -30.74 9.16 6.35
C ASN A 94 -29.74 10.12 5.71
N THR A 95 -29.72 11.40 6.08
CA THR A 95 -28.64 12.26 5.64
C THR A 95 -27.54 12.27 6.67
N TYR A 96 -26.30 12.29 6.16
CA TYR A 96 -25.10 12.39 6.95
C TYR A 96 -24.16 13.44 6.34
N GLY A 97 -23.23 13.83 7.20
CA GLY A 97 -22.03 14.57 6.78
C GLY A 97 -21.24 13.75 5.74
N ALA A 98 -20.50 14.46 4.90
CA ALA A 98 -19.66 13.94 3.78
C ALA A 98 -18.20 14.38 3.94
N ILE A 99 -17.32 13.40 3.77
CA ILE A 99 -15.97 13.58 4.16
C ILE A 99 -15.07 13.07 2.99
N ALA A 100 -14.06 13.84 2.59
CA ALA A 100 -13.09 13.38 1.60
C ALA A 100 -11.74 13.16 2.25
N ILE A 101 -11.11 12.06 1.88
CA ILE A 101 -9.86 11.69 2.55
C ILE A 101 -8.76 11.43 1.50
N SER A 102 -7.60 12.12 1.56
CA SER A 102 -6.53 12.01 0.55
C SER A 102 -5.44 11.12 1.19
N PRO A 103 -4.82 10.21 0.42
CA PRO A 103 -3.54 9.53 0.89
C PRO A 103 -2.35 10.48 0.74
N GLY A 104 -1.15 10.01 1.11
CA GLY A 104 0.04 10.79 0.78
C GLY A 104 0.83 10.37 -0.49
N TYR A 105 2.04 10.93 -0.55
CA TYR A 105 2.95 10.82 -1.70
C TYR A 105 3.25 9.38 -1.88
N THR A 106 3.15 8.90 -3.13
CA THR A 106 3.24 7.47 -3.53
C THR A 106 2.09 6.56 -3.00
N GLY A 107 1.15 7.15 -2.27
CA GLY A 107 0.05 6.40 -1.69
C GLY A 107 -1.17 6.32 -2.57
N THR A 108 -2.03 5.36 -2.22
CA THR A 108 -3.29 5.19 -2.95
C THR A 108 -4.48 5.11 -1.99
N GLN A 109 -5.68 4.95 -2.55
CA GLN A 109 -6.87 4.90 -1.70
C GLN A 109 -6.78 3.72 -0.72
N SER A 110 -6.03 2.68 -1.09
CA SER A 110 -5.97 1.56 -0.17
C SER A 110 -5.21 1.82 1.12
N SER A 111 -4.34 2.83 1.14
CA SER A 111 -3.61 3.12 2.38
C SER A 111 -4.49 3.88 3.39
N ILE A 112 -5.56 4.51 2.92
CA ILE A 112 -6.48 5.12 3.89
C ILE A 112 -7.87 4.45 3.98
N ALA A 113 -8.13 3.41 3.20
CA ALA A 113 -9.44 2.78 3.16
C ALA A 113 -9.96 2.35 4.52
N TRP A 114 -9.10 1.77 5.39
CA TRP A 114 -9.65 1.38 6.63
C TRP A 114 -10.35 2.53 7.39
N LEU A 115 -9.75 3.71 7.26
CA LEU A 115 -10.17 4.85 8.04
C LEU A 115 -11.45 5.30 7.39
N GLY A 116 -11.53 5.22 6.07
CA GLY A 116 -12.79 5.82 5.44
C GLY A 116 -13.95 4.87 5.75
N GLU A 117 -13.66 3.58 5.74
CA GLU A 117 -14.68 2.69 6.14
C GLU A 117 -15.13 2.82 7.60
N ARG A 118 -14.17 2.95 8.51
CA ARG A 118 -14.39 3.01 9.98
C ARG A 118 -15.25 4.24 10.23
N ILE A 119 -14.94 5.32 9.52
CA ILE A 119 -15.62 6.59 9.81
C ILE A 119 -17.09 6.54 9.27
N ALA A 120 -17.32 6.15 8.01
CA ALA A 120 -18.61 5.81 7.40
C ALA A 120 -19.43 4.91 8.36
N SER A 121 -18.78 3.94 9.04
CA SER A 121 -19.62 3.12 9.89
C SER A 121 -20.11 3.76 11.22
N HIS A 122 -19.77 5.05 11.45
CA HIS A 122 -20.25 5.82 12.56
C HIS A 122 -21.27 6.81 12.05
N GLY A 123 -21.64 6.66 10.80
CA GLY A 123 -22.74 7.55 10.15
C GLY A 123 -22.19 8.72 9.38
N PHE A 124 -21.34 8.43 8.41
CA PHE A 124 -20.73 9.39 7.51
C PHE A 124 -20.66 8.85 6.11
N VAL A 125 -20.71 9.73 5.07
CA VAL A 125 -20.47 9.31 3.74
C VAL A 125 -19.07 9.77 3.49
N VAL A 126 -18.19 8.79 3.19
CA VAL A 126 -16.80 9.14 3.13
C VAL A 126 -16.17 8.65 1.82
N ILE A 127 -15.39 9.49 1.15
CA ILE A 127 -14.65 8.98 -0.04
C ILE A 127 -13.15 8.90 0.26
N ALA A 128 -12.56 7.72 0.13
CA ALA A 128 -11.12 7.63 0.14
C ALA A 128 -10.65 7.72 -1.31
N ILE A 129 -9.88 8.77 -1.68
CA ILE A 129 -9.46 8.95 -3.02
C ILE A 129 -8.09 8.38 -3.43
N ASP A 130 -7.97 8.11 -4.72
CA ASP A 130 -6.74 8.15 -5.42
C ASP A 130 -6.59 9.53 -6.05
N THR A 131 -5.34 9.97 -6.04
CA THR A 131 -4.90 11.20 -6.71
C THR A 131 -4.63 11.01 -8.22
N ASN A 132 -4.71 12.08 -9.00
CA ASN A 132 -4.39 11.98 -10.42
C ASN A 132 -3.07 11.29 -10.70
N THR A 133 -2.01 11.62 -9.96
CA THR A 133 -0.79 10.73 -9.98
C THR A 133 -0.38 10.53 -8.55
N THR A 134 0.32 9.44 -8.25
CA THR A 134 0.76 9.30 -6.86
C THR A 134 1.79 10.34 -6.37
N LEU A 135 2.32 11.14 -7.31
CA LEU A 135 3.40 12.07 -6.98
C LEU A 135 2.89 13.49 -6.77
N ASP A 136 1.58 13.65 -6.80
CA ASP A 136 1.02 15.00 -6.71
C ASP A 136 1.40 15.67 -5.38
N GLN A 137 1.68 16.95 -5.42
CA GLN A 137 2.06 17.69 -4.20
C GLN A 137 0.82 18.19 -3.35
N PRO A 138 1.03 18.76 -2.14
CA PRO A 138 -0.03 19.06 -1.21
C PRO A 138 -1.11 19.92 -1.88
N ASP A 139 -0.69 20.90 -2.60
CA ASP A 139 -1.70 21.89 -3.02
C ASP A 139 -2.54 21.33 -4.18
N SER A 140 -1.95 20.43 -4.92
CA SER A 140 -2.69 19.71 -5.92
C SER A 140 -3.67 18.75 -5.19
N ARG A 141 -3.18 18.04 -4.16
CA ARG A 141 -4.12 17.29 -3.36
C ARG A 141 -5.29 18.10 -2.75
N ALA A 142 -5.06 19.37 -2.38
CA ALA A 142 -6.13 20.29 -1.91
C ALA A 142 -7.25 20.47 -3.00
N ARG A 143 -6.80 20.64 -4.25
CA ARG A 143 -7.74 20.78 -5.38
C ARG A 143 -8.50 19.48 -5.62
N GLN A 144 -7.82 18.37 -5.40
CA GLN A 144 -8.42 17.07 -5.65
C GLN A 144 -9.42 16.61 -4.54
N LEU A 145 -9.17 17.04 -3.30
CA LEU A 145 -10.02 16.81 -2.12
C LEU A 145 -11.32 17.63 -2.49
N ASN A 146 -11.11 18.80 -3.09
CA ASN A 146 -12.24 19.71 -3.50
C ASN A 146 -13.11 19.13 -4.63
N ALA A 147 -12.47 18.67 -5.71
CA ALA A 147 -13.08 17.81 -6.75
C ALA A 147 -13.81 16.54 -6.19
N ALA A 148 -13.20 15.81 -5.21
CA ALA A 148 -13.90 14.73 -4.60
C ALA A 148 -15.16 14.99 -3.81
N LEU A 149 -15.24 16.12 -3.08
CA LEU A 149 -16.44 16.57 -2.44
C LEU A 149 -17.51 16.89 -3.52
N ASP A 150 -17.13 17.66 -4.51
CA ASP A 150 -18.04 17.95 -5.66
C ASP A 150 -18.59 16.69 -6.31
N TYR A 151 -17.72 15.72 -6.49
CA TYR A 151 -18.10 14.41 -6.99
C TYR A 151 -19.19 13.74 -6.15
N MET A 152 -18.99 13.62 -4.81
CA MET A 152 -19.96 12.99 -4.00
C MET A 152 -21.31 13.71 -4.12
N LEU A 153 -21.20 15.00 -4.29
CA LEU A 153 -22.38 15.84 -4.24
C LEU A 153 -23.16 15.92 -5.56
N THR A 154 -22.46 15.75 -6.68
CA THR A 154 -23.08 15.92 -7.98
C THR A 154 -22.98 14.74 -8.93
N ASP A 155 -21.94 13.91 -8.75
CA ASP A 155 -21.67 12.88 -9.72
C ASP A 155 -21.90 11.44 -9.26
N ALA A 156 -21.87 11.19 -7.95
CA ALA A 156 -22.16 9.86 -7.47
C ALA A 156 -23.61 9.39 -7.70
N SER A 157 -23.91 8.13 -7.41
CA SER A 157 -25.25 7.61 -7.68
C SER A 157 -26.23 8.22 -6.71
N SER A 158 -27.51 8.14 -7.06
CA SER A 158 -28.60 8.60 -6.18
C SER A 158 -28.52 8.09 -4.78
N ALA A 159 -28.13 6.83 -4.60
CA ALA A 159 -28.05 6.31 -3.25
C ALA A 159 -27.03 7.11 -2.40
N VAL A 160 -25.95 7.59 -3.03
CA VAL A 160 -24.91 8.34 -2.34
C VAL A 160 -25.39 9.74 -2.10
N ARG A 161 -25.76 10.37 -3.18
CA ARG A 161 -26.17 11.76 -3.09
C ARG A 161 -27.30 11.92 -2.12
N ASN A 162 -28.24 10.96 -2.08
CA ASN A 162 -29.39 11.03 -1.13
C ASN A 162 -29.01 10.95 0.31
N ARG A 163 -27.87 10.31 0.60
CA ARG A 163 -27.44 10.30 1.98
C ARG A 163 -26.54 11.42 2.45
N ILE A 164 -26.23 12.34 1.56
CA ILE A 164 -25.42 13.48 1.94
C ILE A 164 -26.24 14.73 2.35
N ASP A 165 -25.93 15.28 3.52
CA ASP A 165 -26.31 16.70 3.77
C ASP A 165 -25.18 17.57 3.13
N ALA A 166 -25.44 18.10 1.93
CA ALA A 166 -24.42 18.84 1.18
C ALA A 166 -23.80 20.06 1.95
N SER A 167 -24.36 20.45 3.08
CA SER A 167 -23.85 21.58 3.75
C SER A 167 -22.99 21.18 4.93
N ARG A 168 -22.61 19.90 5.02
CA ARG A 168 -21.91 19.56 6.24
C ARG A 168 -20.76 18.65 5.74
N LEU A 169 -19.66 19.28 5.35
CA LEU A 169 -18.54 18.60 4.65
C LEU A 169 -17.24 18.72 5.48
N ALA A 170 -16.30 17.80 5.23
CA ALA A 170 -15.10 17.82 5.99
C ALA A 170 -13.99 17.16 5.11
N VAL A 171 -12.74 17.43 5.44
CA VAL A 171 -11.62 16.78 4.69
C VAL A 171 -10.63 16.28 5.71
N MET A 172 -9.86 15.37 5.19
CA MET A 172 -8.82 14.70 6.01
C MET A 172 -7.81 14.23 5.03
N GLY A 173 -6.60 13.92 5.54
CA GLY A 173 -5.54 13.69 4.58
C GLY A 173 -4.35 13.08 5.37
N HIS A 174 -3.62 12.24 4.71
CA HIS A 174 -2.34 11.68 5.33
C HIS A 174 -1.16 12.32 4.64
N SER A 175 -0.29 12.88 5.48
CA SER A 175 1.00 13.47 5.06
C SER A 175 0.80 14.56 3.98
N MET A 176 1.30 14.34 2.76
CA MET A 176 0.95 15.41 1.76
C MET A 176 -0.55 15.59 1.58
N GLY A 177 -1.37 14.52 1.76
CA GLY A 177 -2.87 14.66 1.79
C GLY A 177 -3.29 15.59 2.92
N GLY A 178 -2.53 15.53 4.02
CA GLY A 178 -2.65 16.26 5.23
C GLY A 178 -2.32 17.73 4.93
N GLY A 179 -1.24 18.03 4.18
CA GLY A 179 -0.90 19.37 3.75
C GLY A 179 -2.09 19.84 2.89
N GLY A 180 -2.53 18.97 2.00
CA GLY A 180 -3.73 19.37 1.10
C GLY A 180 -4.98 19.76 1.91
N THR A 181 -5.30 18.99 2.94
CA THR A 181 -6.35 19.32 3.94
C THR A 181 -6.23 20.67 4.57
N LEU A 182 -5.04 21.08 4.98
CA LEU A 182 -4.76 22.40 5.61
C LEU A 182 -5.08 23.42 4.51
N ARG A 183 -4.53 23.15 3.32
CA ARG A 183 -4.71 24.20 2.21
C ARG A 183 -6.17 24.30 1.96
N LEU A 184 -6.88 23.16 1.83
CA LEU A 184 -8.31 23.31 1.45
C LEU A 184 -9.05 23.91 2.59
N ALA A 185 -8.66 23.54 3.84
CA ALA A 185 -9.35 24.18 4.93
C ALA A 185 -9.14 25.69 4.90
N SER A 186 -7.94 26.14 4.54
CA SER A 186 -7.66 27.55 4.44
C SER A 186 -8.52 28.14 3.34
N GLN A 187 -8.69 27.44 2.24
CA GLN A 187 -9.52 28.11 1.10
C GLN A 187 -11.05 28.01 1.23
N ARG A 188 -11.51 27.15 2.11
CA ARG A 188 -12.92 26.86 2.29
C ARG A 188 -13.32 26.93 3.73
N PRO A 189 -13.51 28.16 4.29
CA PRO A 189 -14.04 28.45 5.60
C PRO A 189 -15.39 27.75 5.79
N ASP A 190 -16.03 27.20 4.77
CA ASP A 190 -17.42 26.72 4.89
C ASP A 190 -17.37 25.22 5.33
N LEU A 191 -16.18 24.59 5.22
CA LEU A 191 -16.10 23.22 5.69
C LEU A 191 -16.27 23.19 7.21
N LYS A 192 -16.72 22.01 7.71
CA LYS A 192 -17.06 21.94 9.11
C LYS A 192 -15.87 21.31 9.95
N ALA A 193 -14.93 20.75 9.24
CA ALA A 193 -13.79 20.21 10.07
C ALA A 193 -12.71 19.83 9.10
N ALA A 194 -11.44 19.60 9.62
CA ALA A 194 -10.36 19.31 8.77
C ALA A 194 -9.49 18.41 9.70
N ILE A 195 -8.99 17.26 9.18
CA ILE A 195 -8.18 16.47 10.11
C ILE A 195 -6.89 15.97 9.38
N PRO A 196 -5.80 16.75 9.45
CA PRO A 196 -4.53 16.46 8.77
C PRO A 196 -3.91 15.39 9.64
N LEU A 197 -3.56 14.25 9.08
CA LEU A 197 -2.89 13.20 9.84
C LEU A 197 -1.41 13.13 9.44
N THR A 198 -0.53 13.30 10.42
CA THR A 198 0.90 13.35 10.12
C THR A 198 1.09 14.12 8.82
N PRO A 199 0.82 15.41 8.86
CA PRO A 199 0.78 16.23 7.68
C PRO A 199 2.17 16.73 7.28
N TRP A 200 2.37 16.91 5.98
CA TRP A 200 3.54 17.45 5.39
C TRP A 200 3.11 18.58 4.47
N HIS A 201 3.83 19.67 4.57
CA HIS A 201 3.68 20.83 3.69
C HIS A 201 4.83 21.80 3.89
N LEU A 202 5.28 22.37 2.79
CA LEU A 202 6.32 23.33 2.85
C LEU A 202 5.85 24.68 3.40
N ASN A 203 4.63 25.10 3.13
CA ASN A 203 4.14 26.24 3.85
C ASN A 203 3.82 25.94 5.32
N LYS A 204 4.33 26.76 6.23
CA LYS A 204 4.19 26.47 7.67
C LYS A 204 3.07 27.30 8.33
N SER A 205 2.68 28.38 7.62
CA SER A 205 1.77 29.37 8.16
C SER A 205 0.33 29.17 7.65
N TRP A 206 -0.60 28.89 8.57
CA TRP A 206 -1.97 28.53 8.23
C TRP A 206 -2.88 29.48 9.00
N ARG A 207 -2.43 30.73 9.02
CA ARG A 207 -3.01 31.81 9.81
C ARG A 207 -4.48 32.12 9.53
N ASP A 208 -4.93 31.79 8.34
CA ASP A 208 -6.31 32.09 7.91
C ASP A 208 -7.27 30.91 8.09
N ILE A 209 -6.79 29.75 8.58
CA ILE A 209 -7.76 28.72 8.81
C ILE A 209 -8.70 29.07 9.96
N THR A 210 -10.03 29.09 9.67
CA THR A 210 -11.09 29.11 10.65
C THR A 210 -11.95 27.86 10.79
N VAL A 211 -11.53 26.66 10.26
CA VAL A 211 -12.34 25.46 10.27
C VAL A 211 -11.71 24.60 11.42
N PRO A 212 -12.55 23.92 12.27
CA PRO A 212 -12.14 23.20 13.48
C PRO A 212 -11.08 22.24 12.91
N THR A 213 -9.87 22.23 13.46
CA THR A 213 -8.83 21.34 12.82
C THR A 213 -8.10 20.57 13.91
N LEU A 214 -8.12 19.29 13.66
CA LEU A 214 -7.38 18.37 14.58
C LEU A 214 -6.22 17.93 13.74
N ILE A 215 -4.99 17.89 14.38
CA ILE A 215 -3.86 17.65 13.58
C ILE A 215 -3.37 16.48 14.40
N ILE A 216 -3.15 15.44 13.72
CA ILE A 216 -2.64 14.27 14.54
C ILE A 216 -1.24 14.09 14.11
N GLY A 217 -0.31 13.77 15.10
CA GLY A 217 1.10 13.85 14.79
C GLY A 217 1.53 12.48 15.26
N ALA A 218 2.67 12.09 14.73
CA ALA A 218 3.23 10.81 15.23
C ALA A 218 4.64 11.08 15.84
N GLU A 219 4.83 10.60 17.06
CA GLU A 219 5.94 10.99 17.90
C GLU A 219 7.23 10.50 17.12
N TYR A 220 7.23 9.32 16.55
CA TYR A 220 8.50 8.82 15.92
C TYR A 220 8.40 8.90 14.42
N ASP A 221 7.70 9.91 13.92
CA ASP A 221 7.67 10.01 12.51
C ASP A 221 8.96 10.51 11.84
N THR A 222 9.47 9.74 10.88
CA THR A 222 10.75 10.08 10.41
C THR A 222 10.66 10.83 9.10
N ILE A 223 9.43 11.20 8.69
CA ILE A 223 9.22 11.58 7.31
C ILE A 223 8.56 12.95 7.33
N ALA A 224 7.65 13.11 8.28
CA ALA A 224 6.95 14.43 8.34
C ALA A 224 7.02 14.82 9.84
N SER A 225 8.23 15.22 10.27
CA SER A 225 8.52 15.30 11.71
C SER A 225 7.58 16.35 12.33
N VAL A 226 7.06 16.06 13.51
CA VAL A 226 6.11 17.05 14.14
C VAL A 226 6.80 18.40 14.36
N THR A 227 8.13 18.38 14.52
CA THR A 227 8.88 19.60 14.82
C THR A 227 8.93 20.51 13.61
N LEU A 228 8.98 19.95 12.41
CA LEU A 228 8.98 20.76 11.18
C LEU A 228 7.63 20.88 10.53
N HIS A 229 6.68 20.01 10.86
CA HIS A 229 5.40 19.98 10.09
C HIS A 229 4.21 20.21 11.04
N SER A 230 3.69 19.18 11.71
CA SER A 230 2.47 19.25 12.51
C SER A 230 2.48 20.40 13.51
N LYS A 231 3.53 20.53 14.31
CA LYS A 231 3.53 21.60 15.36
C LYS A 231 3.57 23.01 14.80
N PRO A 232 4.50 23.28 13.87
CA PRO A 232 4.48 24.60 13.21
C PRO A 232 3.08 24.88 12.61
N PHE A 233 2.44 23.89 11.97
CA PHE A 233 1.07 24.15 11.35
C PHE A 233 0.11 24.50 12.47
N TYR A 234 0.09 23.67 13.52
CA TYR A 234 -0.85 23.91 14.59
C TYR A 234 -0.57 25.27 15.26
N ASN A 235 0.69 25.59 15.51
CA ASN A 235 1.10 26.82 16.25
C ASN A 235 0.64 28.03 15.47
N SER A 236 0.52 27.82 14.17
CA SER A 236 0.20 29.02 13.34
C SER A 236 -1.25 29.31 13.32
N ILE A 237 -2.11 28.41 13.77
CA ILE A 237 -3.63 28.69 13.65
C ILE A 237 -4.06 29.53 14.88
N PRO A 238 -4.53 30.80 14.65
CA PRO A 238 -4.84 31.74 15.73
C PRO A 238 -6.25 31.62 16.33
N SER A 239 -6.43 32.25 17.48
CA SER A 239 -7.74 32.23 18.18
C SER A 239 -8.52 33.07 17.24
N PRO A 240 -9.84 32.85 17.18
CA PRO A 240 -10.62 31.90 17.95
C PRO A 240 -10.87 30.50 17.30
N THR A 241 -9.97 30.01 16.40
CA THR A 241 -10.28 28.85 15.57
C THR A 241 -10.23 27.65 16.52
N ASP A 242 -11.17 26.70 16.43
CA ASP A 242 -11.13 25.56 17.36
C ASP A 242 -10.10 24.62 16.84
N LYS A 243 -9.32 23.91 17.71
CA LYS A 243 -8.35 23.16 17.00
C LYS A 243 -7.84 22.26 18.12
N ALA A 244 -7.10 21.25 17.69
CA ALA A 244 -6.49 20.41 18.74
C ALA A 244 -5.25 19.78 18.08
N TYR A 245 -4.28 19.23 18.91
CA TYR A 245 -3.13 18.69 18.31
C TYR A 245 -2.93 17.46 19.19
N LEU A 246 -2.93 16.34 18.54
CA LEU A 246 -2.80 15.07 19.32
C LEU A 246 -1.58 14.40 18.70
N GLU A 247 -0.66 13.93 19.58
CA GLU A 247 0.56 13.30 19.00
C GLU A 247 0.57 11.92 19.58
N LEU A 248 0.61 10.94 18.68
CA LEU A 248 0.38 9.53 19.03
C LEU A 248 1.72 9.23 19.60
N ASP A 249 1.67 8.58 20.77
CA ASP A 249 2.92 8.06 21.43
C ASP A 249 3.49 6.85 20.68
N GLY A 250 4.80 6.81 20.44
CA GLY A 250 5.49 5.63 19.89
C GLY A 250 5.18 5.32 18.45
N ALA A 251 4.54 6.24 17.73
CA ALA A 251 3.93 5.97 16.38
C ALA A 251 4.78 6.50 15.19
N SER A 252 4.75 5.81 14.05
CA SER A 252 5.63 6.09 12.92
C SER A 252 4.73 6.95 12.08
N HIS A 253 5.29 7.37 10.95
CA HIS A 253 4.60 8.19 9.91
C HIS A 253 3.43 7.45 9.33
N PHE A 254 3.55 6.13 9.29
CA PHE A 254 2.59 5.19 8.69
C PHE A 254 1.47 4.66 9.58
N ALA A 255 1.44 5.14 10.81
CA ALA A 255 0.41 4.79 11.74
C ALA A 255 -0.97 5.10 11.13
N PRO A 256 -1.11 6.19 10.36
CA PRO A 256 -2.42 6.40 9.76
C PRO A 256 -2.84 5.39 8.66
N ASN A 257 -1.94 4.45 8.27
CA ASN A 257 -2.27 3.56 7.16
C ASN A 257 -2.58 2.17 7.65
N ILE A 258 -2.53 2.02 8.98
CA ILE A 258 -2.91 0.81 9.61
C ILE A 258 -3.97 1.04 10.61
N THR A 259 -5.00 0.23 10.62
CA THR A 259 -6.00 0.31 11.71
C THR A 259 -5.39 0.74 13.05
N ASN A 260 -5.92 1.79 13.63
CA ASN A 260 -5.41 2.40 14.83
C ASN A 260 -6.59 2.90 15.63
N LYS A 261 -6.81 2.39 16.85
CA LYS A 261 -8.01 2.78 17.61
C LYS A 261 -7.94 4.26 18.02
N THR A 262 -6.74 4.82 18.19
CA THR A 262 -6.59 6.24 18.72
C THR A 262 -6.94 7.12 17.54
N ILE A 263 -6.40 6.84 16.37
CA ILE A 263 -6.79 7.71 15.16
C ILE A 263 -8.29 7.60 14.90
N GLY A 264 -8.81 6.39 14.86
CA GLY A 264 -10.26 6.08 14.74
C GLY A 264 -11.08 6.79 15.77
N MET A 265 -10.76 6.67 17.07
CA MET A 265 -11.65 7.18 18.11
C MET A 265 -11.68 8.72 17.99
N TYR A 266 -10.47 9.27 17.87
CA TYR A 266 -10.37 10.78 17.86
C TYR A 266 -10.82 11.42 16.56
N SER A 267 -10.57 10.77 15.44
CA SER A 267 -11.10 11.29 14.12
C SER A 267 -12.62 11.36 14.13
N VAL A 268 -13.28 10.27 14.53
CA VAL A 268 -14.77 10.13 14.62
C VAL A 268 -15.28 11.12 15.67
N ALA A 269 -14.68 11.19 16.86
CA ALA A 269 -15.13 12.23 17.90
C ALA A 269 -15.07 13.61 17.31
N TRP A 270 -13.96 13.87 16.65
CA TRP A 270 -13.82 15.23 16.01
C TRP A 270 -14.89 15.41 14.98
N LEU A 271 -15.07 14.47 14.09
CA LEU A 271 -16.15 14.72 13.00
C LEU A 271 -17.57 14.77 13.58
N LYS A 272 -17.88 13.90 14.55
CA LYS A 272 -19.09 13.95 15.31
C LYS A 272 -19.26 15.31 15.93
N ARG A 273 -18.26 15.82 16.70
CA ARG A 273 -18.45 17.12 17.42
C ARG A 273 -18.67 18.25 16.36
N PHE A 274 -17.95 18.17 15.27
CA PHE A 274 -18.02 19.42 14.35
C PHE A 274 -18.81 19.24 13.09
N VAL A 275 -18.76 18.12 12.39
CA VAL A 275 -19.65 17.97 11.24
C VAL A 275 -21.16 17.79 11.67
N ASP A 276 -21.40 17.04 12.75
CA ASP A 276 -22.76 16.81 13.26
C ASP A 276 -23.20 17.74 14.39
N GLU A 277 -22.33 18.68 14.79
CA GLU A 277 -22.56 19.46 16.03
C GLU A 277 -22.96 18.58 17.20
N ASP A 278 -22.40 17.36 17.32
CA ASP A 278 -22.94 16.38 18.23
C ASP A 278 -22.15 16.47 19.53
N THR A 279 -22.75 17.10 20.54
CA THR A 279 -22.01 17.45 21.74
C THR A 279 -21.84 16.24 22.65
N ARG A 280 -22.44 15.15 22.28
CA ARG A 280 -22.26 13.90 23.11
C ARG A 280 -20.83 13.47 22.93
N TYR A 281 -20.16 14.01 21.94
CA TYR A 281 -18.71 13.60 21.68
C TYR A 281 -17.65 14.53 22.28
N THR A 282 -18.11 15.65 22.88
CA THR A 282 -17.19 16.54 23.48
C THR A 282 -16.43 15.89 24.68
N GLN A 283 -17.10 14.97 25.36
CA GLN A 283 -16.56 14.37 26.56
C GLN A 283 -15.26 13.67 26.20
N PHE A 284 -15.09 13.19 24.96
CA PHE A 284 -13.82 12.46 24.61
C PHE A 284 -12.70 13.41 24.22
N LEU A 285 -13.11 14.57 23.71
CA LEU A 285 -12.12 15.55 23.31
C LEU A 285 -11.74 16.56 24.42
N CYS A 286 -12.57 16.70 25.46
CA CYS A 286 -12.37 17.66 26.53
C CYS A 286 -12.59 17.00 27.88
N PRO A 287 -11.56 17.00 28.76
CA PRO A 287 -10.25 17.62 28.61
C PRO A 287 -9.36 16.87 27.60
N GLY A 288 -9.75 15.62 27.30
CA GLY A 288 -9.08 14.89 26.22
C GLY A 288 -8.15 13.92 26.87
N PRO A 289 -7.30 13.29 26.04
CA PRO A 289 -6.46 12.20 26.55
C PRO A 289 -5.41 12.70 27.55
N ARG A 290 -5.21 11.91 28.63
CA ARG A 290 -4.10 12.14 29.54
C ARG A 290 -2.85 11.91 28.69
N THR A 291 -1.74 12.54 29.07
CA THR A 291 -0.47 12.49 28.34
C THR A 291 0.65 12.09 29.29
N SER A 295 0.26 6.51 28.89
CA SER A 295 -0.77 6.91 27.92
C SER A 295 -0.37 6.66 26.45
N ASP A 296 -1.39 6.50 25.60
CA ASP A 296 -1.31 6.35 24.13
C ASP A 296 -0.97 7.68 23.43
N VAL A 297 -0.94 8.73 24.22
CA VAL A 297 -0.81 10.04 23.62
C VAL A 297 0.34 10.82 24.19
N GLU A 298 1.25 11.19 23.29
CA GLU A 298 2.46 11.89 23.63
C GLU A 298 2.12 13.34 24.06
N GLU A 299 1.16 13.98 23.38
CA GLU A 299 0.83 15.36 23.75
C GLU A 299 -0.59 15.63 23.24
N TYR A 300 -1.34 16.45 23.97
CA TYR A 300 -2.65 16.91 23.49
C TYR A 300 -2.85 18.35 23.87
N ARG A 301 -3.15 19.16 22.85
CA ARG A 301 -3.41 20.53 23.10
C ARG A 301 -4.81 20.76 22.49
N SER A 302 -5.52 21.71 23.03
CA SER A 302 -6.86 21.93 22.38
C SER A 302 -7.45 23.26 22.75
N THR A 303 -8.42 23.70 21.98
CA THR A 303 -9.17 24.86 22.48
C THR A 303 -10.51 24.42 23.14
N CYS A 304 -10.52 23.37 23.93
CA CYS A 304 -11.66 22.89 24.68
C CYS A 304 -12.12 23.99 25.59
N PRO A 305 -13.42 24.10 25.78
CA PRO A 305 -14.47 23.24 25.32
C PRO A 305 -15.13 23.73 23.99
N PHE A 306 -14.46 24.56 23.18
CA PHE A 306 -14.79 24.81 21.81
C PHE A 306 -15.93 25.90 21.69
N ALA B 46 16.81 -33.96 -23.15
CA ALA B 46 15.38 -33.70 -22.85
C ALA B 46 15.30 -33.02 -21.50
N ASN B 47 14.25 -32.25 -21.32
CA ASN B 47 14.04 -31.73 -20.01
C ASN B 47 12.61 -31.95 -19.56
N PRO B 48 12.40 -32.87 -18.60
CA PRO B 48 11.09 -33.28 -18.08
C PRO B 48 10.27 -32.08 -17.57
N TYR B 49 10.96 -31.03 -17.11
CA TYR B 49 10.31 -29.87 -16.49
C TYR B 49 9.73 -28.87 -17.47
N GLU B 50 10.02 -29.00 -18.77
CA GLU B 50 9.52 -28.07 -19.74
C GLU B 50 8.01 -27.96 -19.68
N ARG B 51 7.58 -26.75 -19.61
CA ARG B 51 6.15 -26.49 -19.70
C ARG B 51 5.97 -25.40 -20.71
N GLY B 52 4.84 -25.44 -21.43
CA GLY B 52 4.55 -24.40 -22.42
C GLY B 52 5.37 -24.54 -23.66
N PRO B 53 5.09 -23.69 -24.62
CA PRO B 53 5.64 -23.73 -25.96
C PRO B 53 7.02 -23.13 -26.03
N ASN B 54 7.63 -23.29 -27.21
CA ASN B 54 8.88 -22.61 -27.57
C ASN B 54 8.66 -21.11 -27.51
N PRO B 55 9.39 -20.41 -26.63
CA PRO B 55 8.98 -19.04 -26.28
C PRO B 55 9.45 -18.01 -27.32
N THR B 56 8.68 -16.92 -27.45
CA THR B 56 9.06 -15.72 -28.22
C THR B 56 8.92 -14.51 -27.28
N GLU B 57 9.45 -13.37 -27.72
CA GLU B 57 9.34 -12.16 -26.97
C GLU B 57 7.92 -11.67 -26.79
N SER B 58 7.08 -11.73 -27.83
CA SER B 58 5.71 -11.27 -27.62
C SER B 58 4.90 -12.20 -26.67
N MET B 59 5.20 -13.50 -26.64
CA MET B 59 4.58 -14.41 -25.66
C MET B 59 4.94 -13.94 -24.25
N LEU B 60 6.22 -13.70 -24.02
CA LEU B 60 6.69 -13.24 -22.68
C LEU B 60 6.21 -11.81 -22.28
N GLU B 61 5.87 -11.00 -23.28
CA GLU B 61 5.44 -9.66 -22.95
C GLU B 61 3.94 -9.52 -22.86
N ALA B 62 3.21 -10.53 -23.31
CA ALA B 62 1.75 -10.47 -23.27
C ALA B 62 1.28 -10.48 -21.81
N ARG B 63 0.04 -10.06 -21.58
CA ARG B 63 -0.48 -9.94 -20.24
C ARG B 63 -0.55 -11.31 -19.55
N SER B 64 -0.63 -12.41 -20.31
CA SER B 64 -0.52 -13.77 -19.70
C SER B 64 0.10 -14.78 -20.59
N GLY B 65 0.63 -15.80 -19.94
CA GLY B 65 1.08 -16.93 -20.67
C GLY B 65 -0.04 -17.89 -21.01
N PRO B 66 0.30 -19.13 -21.37
CA PRO B 66 -0.57 -20.15 -21.97
C PRO B 66 -1.33 -20.99 -20.99
N PHE B 67 -1.08 -20.86 -19.70
CA PHE B 67 -1.86 -21.56 -18.73
C PHE B 67 -2.93 -20.73 -18.10
N SER B 68 -4.11 -21.31 -18.01
CA SER B 68 -5.19 -20.60 -17.24
C SER B 68 -4.94 -20.77 -15.74
N VAL B 69 -5.41 -19.85 -14.94
CA VAL B 69 -4.90 -19.81 -13.53
C VAL B 69 -6.05 -19.83 -12.54
N SER B 70 -5.94 -20.60 -11.46
CA SER B 70 -6.89 -20.52 -10.36
C SER B 70 -6.20 -20.02 -9.07
N GLU B 71 -7.02 -19.64 -8.07
CA GLU B 71 -6.59 -18.99 -6.84
C GLU B 71 -7.06 -19.82 -5.65
N GLU B 72 -6.19 -19.96 -4.65
CA GLU B 72 -6.58 -20.48 -3.38
C GLU B 72 -6.04 -19.56 -2.27
N ARG B 73 -6.89 -19.18 -1.30
CA ARG B 73 -6.49 -18.29 -0.21
C ARG B 73 -5.63 -19.06 0.81
N ALA B 74 -4.55 -18.45 1.26
CA ALA B 74 -3.90 -18.92 2.46
C ALA B 74 -4.42 -18.00 3.55
N SER B 75 -5.37 -18.48 4.34
CA SER B 75 -5.98 -17.63 5.38
C SER B 75 -4.99 -17.21 6.44
N ARG B 76 -5.19 -16.03 6.99
CA ARG B 76 -4.47 -15.68 8.22
C ARG B 76 -4.71 -16.71 9.35
N PHE B 77 -5.72 -17.57 9.24
CA PHE B 77 -5.96 -18.57 10.30
C PHE B 77 -5.03 -19.76 10.17
N GLY B 78 -4.57 -20.02 8.95
CA GLY B 78 -3.80 -21.20 8.69
C GLY B 78 -2.36 -20.89 8.40
N ALA B 79 -2.08 -19.59 8.15
CA ALA B 79 -0.75 -19.16 7.77
C ALA B 79 0.18 -19.03 8.99
N ASP B 80 0.91 -20.09 9.28
CA ASP B 80 1.96 -20.05 10.31
C ASP B 80 3.16 -19.20 9.86
N GLY B 81 3.45 -18.10 10.56
CA GLY B 81 4.68 -17.36 10.32
C GLY B 81 4.59 -16.35 9.18
N PHE B 82 3.39 -15.96 8.71
CA PHE B 82 3.28 -14.86 7.72
C PHE B 82 1.82 -14.47 7.75
N GLY B 83 1.44 -13.46 6.98
CA GLY B 83 0.09 -12.91 7.11
C GLY B 83 -0.98 -13.48 6.19
N GLY B 84 -0.72 -14.62 5.54
CA GLY B 84 -1.65 -15.12 4.59
C GLY B 84 -1.27 -14.67 3.19
N GLY B 85 -2.13 -14.98 2.24
CA GLY B 85 -2.03 -14.45 0.87
C GLY B 85 -2.86 -15.27 -0.10
N THR B 86 -2.48 -15.24 -1.38
CA THR B 86 -3.20 -15.89 -2.44
C THR B 86 -2.20 -16.74 -3.21
N ILE B 87 -2.58 -17.99 -3.38
CA ILE B 87 -1.82 -18.90 -4.23
C ILE B 87 -2.46 -18.92 -5.62
N TYR B 88 -1.68 -18.55 -6.62
CA TYR B 88 -2.05 -18.71 -8.00
C TYR B 88 -1.47 -20.02 -8.49
N TYR B 89 -2.28 -20.80 -9.17
CA TYR B 89 -1.78 -22.06 -9.74
C TYR B 89 -2.40 -22.38 -11.08
N PRO B 90 -1.68 -23.06 -11.95
CA PRO B 90 -2.14 -23.46 -13.29
C PRO B 90 -3.26 -24.48 -13.10
N ARG B 91 -4.42 -24.24 -13.74
CA ARG B 91 -5.50 -25.25 -13.69
C ARG B 91 -5.04 -26.65 -14.21
N GLU B 92 -4.19 -26.66 -15.20
CA GLU B 92 -3.77 -27.91 -15.87
C GLU B 92 -3.10 -28.78 -14.78
N ASN B 93 -3.37 -30.09 -14.78
CA ASN B 93 -2.93 -31.00 -13.76
C ASN B 93 -1.59 -31.49 -14.27
N ASN B 94 -0.57 -30.85 -13.72
CA ASN B 94 0.85 -31.24 -13.94
C ASN B 94 1.58 -30.79 -12.66
N THR B 95 2.86 -31.15 -12.48
CA THR B 95 3.61 -30.51 -11.38
C THR B 95 4.45 -29.36 -11.95
N TYR B 96 4.60 -28.32 -11.14
CA TYR B 96 5.41 -27.18 -11.45
C TYR B 96 6.28 -26.71 -10.28
N GLY B 97 7.25 -25.84 -10.59
CA GLY B 97 7.99 -25.11 -9.56
C GLY B 97 7.06 -24.23 -8.77
N ALA B 98 7.46 -23.94 -7.54
CA ALA B 98 6.63 -23.02 -6.68
C ALA B 98 7.45 -21.79 -6.24
N ILE B 99 6.79 -20.63 -6.12
CA ILE B 99 7.44 -19.32 -5.96
C ILE B 99 6.66 -18.62 -4.84
N ALA B 100 7.36 -17.98 -3.93
CA ALA B 100 6.77 -17.04 -2.91
C ALA B 100 7.26 -15.64 -3.16
N ILE B 101 6.32 -14.63 -3.19
CA ILE B 101 6.64 -13.30 -3.52
C ILE B 101 6.18 -12.40 -2.36
N SER B 102 7.03 -11.50 -1.90
CA SER B 102 6.72 -10.66 -0.74
C SER B 102 6.55 -9.25 -1.33
N PRO B 103 5.58 -8.53 -0.79
CA PRO B 103 5.49 -7.10 -1.08
C PRO B 103 6.50 -6.29 -0.21
N GLY B 104 6.50 -4.98 -0.37
CA GLY B 104 7.35 -4.11 0.44
C GLY B 104 6.66 -3.42 1.61
N TYR B 105 7.44 -2.61 2.31
CA TYR B 105 7.02 -1.86 3.49
C TYR B 105 5.78 -1.00 3.10
N THR B 106 4.73 -1.06 3.90
CA THR B 106 3.35 -0.54 3.64
C THR B 106 2.60 -1.29 2.53
N GLY B 107 3.24 -2.28 1.85
CA GLY B 107 2.58 -3.00 0.78
C GLY B 107 1.82 -4.20 1.29
N THR B 108 0.94 -4.69 0.43
CA THR B 108 0.12 -5.87 0.69
C THR B 108 0.24 -6.79 -0.52
N GLN B 109 -0.36 -7.96 -0.45
CA GLN B 109 -0.31 -8.93 -1.56
C GLN B 109 -0.90 -8.32 -2.83
N SER B 110 -1.75 -7.25 -2.72
CA SER B 110 -2.29 -6.67 -3.93
C SER B 110 -1.34 -5.76 -4.71
N SER B 111 -0.30 -5.24 -4.08
CA SER B 111 0.67 -4.53 -4.88
C SER B 111 1.55 -5.50 -5.74
N ILE B 112 1.53 -6.79 -5.39
CA ILE B 112 2.31 -7.78 -6.11
C ILE B 112 1.45 -8.98 -6.50
N ALA B 113 0.20 -8.78 -6.82
CA ALA B 113 -0.71 -9.83 -7.32
C ALA B 113 -0.59 -10.05 -8.83
N TRP B 114 -0.51 -8.94 -9.55
CA TRP B 114 -0.44 -9.04 -10.97
C TRP B 114 0.75 -9.91 -11.45
N LEU B 115 1.83 -9.87 -10.68
CA LEU B 115 3.04 -10.58 -11.02
C LEU B 115 2.87 -12.05 -10.64
N GLY B 116 2.28 -12.29 -9.48
CA GLY B 116 1.95 -13.69 -9.08
C GLY B 116 1.05 -14.38 -10.10
N GLU B 117 -0.01 -13.68 -10.53
CA GLU B 117 -0.85 -14.23 -11.56
C GLU B 117 -0.10 -14.46 -12.89
N ARG B 118 0.73 -13.50 -13.28
CA ARG B 118 1.28 -13.53 -14.62
C ARG B 118 2.30 -14.65 -14.60
N ILE B 119 2.98 -14.84 -13.48
CA ILE B 119 4.02 -15.88 -13.48
C ILE B 119 3.31 -17.21 -13.50
N ALA B 120 2.34 -17.43 -12.61
CA ALA B 120 1.55 -18.69 -12.60
C ALA B 120 1.04 -19.05 -13.98
N SER B 121 0.65 -18.02 -14.80
CA SER B 121 0.12 -18.26 -16.15
C SER B 121 1.16 -18.83 -17.13
N HIS B 122 2.43 -18.85 -16.71
CA HIS B 122 3.50 -19.49 -17.48
C HIS B 122 3.90 -20.87 -16.93
N GLY B 123 3.14 -21.40 -15.98
CA GLY B 123 3.31 -22.77 -15.51
C GLY B 123 4.10 -22.79 -14.23
N PHE B 124 3.59 -22.09 -13.23
CA PHE B 124 4.19 -21.99 -11.92
C PHE B 124 3.06 -21.89 -10.86
N VAL B 125 3.36 -22.39 -9.67
CA VAL B 125 2.51 -22.17 -8.49
C VAL B 125 3.11 -21.01 -7.67
N VAL B 126 2.34 -19.92 -7.50
CA VAL B 126 2.97 -18.73 -6.94
C VAL B 126 2.10 -18.25 -5.78
N ILE B 127 2.68 -17.94 -4.62
CA ILE B 127 1.92 -17.36 -3.51
C ILE B 127 2.38 -15.90 -3.36
N ALA B 128 1.44 -14.95 -3.55
CA ALA B 128 1.70 -13.62 -3.21
C ALA B 128 1.26 -13.39 -1.77
N ILE B 129 2.18 -13.05 -0.86
CA ILE B 129 1.82 -12.92 0.55
C ILE B 129 1.48 -11.54 1.07
N ASP B 130 0.74 -11.55 2.17
CA ASP B 130 0.67 -10.43 3.07
C ASP B 130 1.66 -10.79 4.19
N THR B 131 2.28 -9.78 4.77
CA THR B 131 3.22 -9.99 5.88
C THR B 131 2.47 -9.91 7.17
N ASN B 132 3.10 -10.34 8.26
CA ASN B 132 2.47 -10.22 9.56
C ASN B 132 1.96 -8.78 9.85
N THR B 133 2.78 -7.78 9.54
CA THR B 133 2.37 -6.38 9.52
C THR B 133 2.98 -5.76 8.28
N THR B 134 2.36 -4.70 7.78
CA THR B 134 2.98 -3.99 6.67
C THR B 134 4.30 -3.28 6.93
N LEU B 135 4.67 -3.15 8.21
CA LEU B 135 5.88 -2.44 8.67
C LEU B 135 6.96 -3.44 8.96
N ASP B 136 6.72 -4.68 8.58
CA ASP B 136 7.80 -5.67 8.85
C ASP B 136 9.11 -5.30 8.15
N GLN B 137 10.26 -5.70 8.71
CA GLN B 137 11.56 -5.35 8.17
C GLN B 137 12.06 -6.47 7.25
N PRO B 138 13.14 -6.25 6.49
CA PRO B 138 13.44 -7.22 5.47
C PRO B 138 13.78 -8.62 6.00
N ASP B 139 14.48 -8.71 7.10
CA ASP B 139 14.90 -10.08 7.54
C ASP B 139 13.73 -10.89 8.06
N SER B 140 12.81 -10.21 8.71
CA SER B 140 11.48 -10.70 8.98
C SER B 140 10.72 -11.18 7.73
N ARG B 141 10.71 -10.36 6.70
CA ARG B 141 10.16 -10.77 5.43
C ARG B 141 10.84 -12.03 4.88
N ALA B 142 12.13 -12.22 5.16
CA ALA B 142 12.80 -13.43 4.67
C ALA B 142 12.11 -14.63 5.36
N ARG B 143 11.93 -14.52 6.67
CA ARG B 143 11.38 -15.60 7.51
C ARG B 143 9.95 -15.94 7.02
N GLN B 144 9.22 -14.92 6.67
CA GLN B 144 7.87 -15.10 6.16
C GLN B 144 7.75 -15.71 4.75
N LEU B 145 8.73 -15.38 3.88
CA LEU B 145 8.84 -15.98 2.58
C LEU B 145 9.12 -17.47 2.85
N ASN B 146 10.04 -17.72 3.76
CA ASN B 146 10.29 -19.11 4.07
C ASN B 146 9.00 -19.84 4.55
N ALA B 147 8.33 -19.31 5.53
CA ALA B 147 7.07 -19.85 6.02
C ALA B 147 6.03 -20.05 4.92
N ALA B 148 5.99 -19.12 3.96
CA ALA B 148 5.06 -19.23 2.86
C ALA B 148 5.38 -20.42 1.94
N LEU B 149 6.65 -20.61 1.66
CA LEU B 149 7.06 -21.82 0.94
C LEU B 149 6.54 -23.04 1.67
N ASP B 150 6.77 -23.07 2.98
CA ASP B 150 6.41 -24.25 3.82
C ASP B 150 4.89 -24.43 3.76
N TYR B 151 4.15 -23.34 3.92
CA TYR B 151 2.74 -23.37 3.72
C TYR B 151 2.29 -24.08 2.46
N MET B 152 2.82 -23.68 1.30
CA MET B 152 2.35 -24.24 0.04
C MET B 152 2.61 -25.74 0.00
N LEU B 153 3.70 -26.15 0.66
CA LEU B 153 4.10 -27.54 0.66
C LEU B 153 3.35 -28.43 1.65
N THR B 154 2.86 -27.88 2.73
CA THR B 154 2.36 -28.75 3.76
C THR B 154 0.93 -28.43 4.19
N ASP B 155 0.55 -27.15 4.12
CA ASP B 155 -0.74 -26.71 4.71
C ASP B 155 -1.77 -26.27 3.70
N ALA B 156 -1.34 -25.98 2.48
CA ALA B 156 -2.32 -25.73 1.40
C ALA B 156 -3.13 -26.99 1.03
N SER B 157 -4.21 -26.79 0.24
CA SER B 157 -5.05 -27.91 -0.16
C SER B 157 -4.27 -28.79 -1.10
N SER B 158 -4.75 -30.02 -1.28
CA SER B 158 -4.23 -30.93 -2.35
C SER B 158 -4.10 -30.37 -3.75
N ALA B 159 -5.03 -29.50 -4.17
CA ALA B 159 -4.97 -28.80 -5.47
C ALA B 159 -3.64 -28.06 -5.64
N VAL B 160 -3.17 -27.41 -4.57
CA VAL B 160 -1.92 -26.71 -4.58
C VAL B 160 -0.78 -27.77 -4.38
N ARG B 161 -0.82 -28.54 -3.33
CA ARG B 161 0.35 -29.41 -3.04
C ARG B 161 0.63 -30.38 -4.18
N ASN B 162 -0.42 -30.89 -4.81
CA ASN B 162 -0.25 -31.83 -5.91
C ASN B 162 0.33 -31.21 -7.21
N ARG B 163 0.23 -29.88 -7.35
CA ARG B 163 0.82 -29.22 -8.47
C ARG B 163 2.20 -28.74 -8.17
N ILE B 164 2.79 -29.08 -6.99
CA ILE B 164 4.07 -28.52 -6.71
C ILE B 164 5.12 -29.60 -6.74
N ASP B 165 6.19 -29.34 -7.48
CA ASP B 165 7.42 -30.24 -7.34
C ASP B 165 8.18 -29.59 -6.18
N ALA B 166 8.07 -30.20 -4.99
CA ALA B 166 8.67 -29.63 -3.77
C ALA B 166 10.18 -29.35 -3.83
N SER B 167 10.88 -29.92 -4.83
CA SER B 167 12.30 -29.73 -4.91
C SER B 167 12.73 -28.58 -5.82
N ARG B 168 11.74 -27.79 -6.34
CA ARG B 168 12.05 -26.74 -7.27
C ARG B 168 11.28 -25.44 -6.80
N LEU B 169 11.94 -24.72 -5.89
CA LEU B 169 11.36 -23.51 -5.23
C LEU B 169 12.10 -22.23 -5.54
N ALA B 170 11.44 -21.06 -5.38
CA ALA B 170 12.14 -19.84 -5.68
C ALA B 170 11.35 -18.71 -4.94
N VAL B 171 12.05 -17.59 -4.76
CA VAL B 171 11.46 -16.51 -3.92
C VAL B 171 11.76 -15.23 -4.63
N MET B 172 10.83 -14.28 -4.45
CA MET B 172 10.92 -12.99 -5.09
C MET B 172 10.32 -12.01 -4.11
N GLY B 173 10.58 -10.72 -4.35
CA GLY B 173 9.96 -9.73 -3.47
C GLY B 173 10.25 -8.33 -3.97
N HIS B 174 9.37 -7.42 -3.59
CA HIS B 174 9.57 -5.99 -3.92
C HIS B 174 10.09 -5.22 -2.75
N SER B 175 11.12 -4.44 -3.01
CA SER B 175 11.70 -3.47 -2.15
C SER B 175 12.16 -4.08 -0.85
N MET B 176 11.57 -3.74 0.31
CA MET B 176 11.96 -4.61 1.54
C MET B 176 11.66 -6.09 1.35
N GLY B 177 10.64 -6.49 0.55
CA GLY B 177 10.51 -7.98 0.33
C GLY B 177 11.62 -8.52 -0.57
N GLY B 178 12.20 -7.67 -1.40
CA GLY B 178 13.36 -7.94 -2.28
C GLY B 178 14.55 -8.12 -1.32
N GLY B 179 14.68 -7.27 -0.31
CA GLY B 179 15.73 -7.51 0.74
C GLY B 179 15.58 -8.84 1.48
N GLY B 180 14.35 -9.18 1.72
CA GLY B 180 13.99 -10.47 2.34
C GLY B 180 14.29 -11.57 1.36
N THR B 181 14.06 -11.31 0.08
CA THR B 181 14.49 -12.33 -0.93
C THR B 181 16.03 -12.71 -0.88
N LEU B 182 16.87 -11.67 -0.84
CA LEU B 182 18.35 -11.74 -0.79
C LEU B 182 18.75 -12.56 0.44
N ARG B 183 18.14 -12.21 1.57
CA ARG B 183 18.48 -12.83 2.86
C ARG B 183 18.12 -14.34 2.83
N LEU B 184 16.91 -14.66 2.35
CA LEU B 184 16.51 -16.07 2.25
C LEU B 184 17.40 -16.79 1.28
N ALA B 185 17.70 -16.13 0.15
CA ALA B 185 18.54 -16.74 -0.85
C ALA B 185 19.88 -17.17 -0.19
N SER B 186 20.41 -16.31 0.67
CA SER B 186 21.63 -16.53 1.47
C SER B 186 21.41 -17.68 2.40
N GLN B 187 20.26 -17.78 3.07
CA GLN B 187 20.02 -18.88 4.05
C GLN B 187 19.65 -20.20 3.41
N ARG B 188 19.15 -20.17 2.18
CA ARG B 188 18.67 -21.40 1.53
C ARG B 188 19.29 -21.66 0.17
N PRO B 189 20.50 -22.23 0.17
CA PRO B 189 21.21 -22.54 -1.03
C PRO B 189 20.42 -23.54 -1.83
N ASP B 190 19.42 -24.22 -1.27
CA ASP B 190 18.69 -25.21 -2.02
C ASP B 190 17.62 -24.55 -2.95
N LEU B 191 17.37 -23.25 -2.78
CA LEU B 191 16.42 -22.62 -3.70
C LEU B 191 16.93 -22.59 -5.13
N LYS B 192 16.01 -22.65 -6.10
CA LYS B 192 16.46 -22.63 -7.49
C LYS B 192 16.72 -21.24 -8.03
N ALA B 193 15.97 -20.25 -7.49
CA ALA B 193 16.15 -18.90 -7.98
C ALA B 193 15.68 -17.86 -6.98
N ALA B 194 16.23 -16.64 -7.12
CA ALA B 194 15.84 -15.48 -6.28
C ALA B 194 15.65 -14.25 -7.18
N ILE B 195 14.54 -13.54 -7.04
CA ILE B 195 14.37 -12.36 -7.91
C ILE B 195 13.98 -11.12 -7.02
N PRO B 196 14.97 -10.33 -6.65
CA PRO B 196 14.74 -9.10 -5.91
C PRO B 196 14.34 -8.02 -6.88
N LEU B 197 13.16 -7.43 -6.67
CA LEU B 197 12.68 -6.34 -7.52
C LEU B 197 12.78 -5.01 -6.80
N THR B 198 13.62 -4.12 -7.31
CA THR B 198 13.83 -2.82 -6.68
C THR B 198 14.03 -2.98 -5.18
N PRO B 199 14.95 -3.85 -4.81
CA PRO B 199 15.20 -4.15 -3.42
C PRO B 199 15.81 -3.10 -2.54
N TRP B 200 15.51 -3.32 -1.28
CA TRP B 200 15.87 -2.45 -0.21
C TRP B 200 16.30 -3.31 0.94
N HIS B 201 17.53 -3.06 1.38
CA HIS B 201 18.13 -3.72 2.56
C HIS B 201 19.30 -2.85 3.02
N LEU B 202 19.40 -2.69 4.32
CA LEU B 202 20.49 -1.91 4.86
C LEU B 202 21.80 -2.70 4.83
N ASN B 203 21.74 -4.04 4.75
CA ASN B 203 22.98 -4.83 4.56
C ASN B 203 23.34 -4.93 3.07
N LYS B 204 24.55 -4.53 2.70
CA LYS B 204 24.90 -4.41 1.28
C LYS B 204 25.72 -5.59 0.75
N SER B 205 26.20 -6.43 1.65
CA SER B 205 27.06 -7.47 1.19
C SER B 205 26.42 -8.88 1.33
N TRP B 206 26.33 -9.59 0.21
CA TRP B 206 25.52 -10.79 0.12
C TRP B 206 26.48 -11.81 -0.43
N ARG B 207 27.57 -11.89 0.32
CA ARG B 207 28.76 -12.60 -0.23
C ARG B 207 28.62 -14.09 -0.20
N ASP B 208 27.53 -14.58 0.39
CA ASP B 208 27.32 -16.04 0.47
C ASP B 208 26.23 -16.62 -0.45
N ILE B 209 25.70 -15.81 -1.36
CA ILE B 209 24.55 -16.30 -2.10
C ILE B 209 25.00 -17.14 -3.24
N THR B 210 24.46 -18.37 -3.31
CA THR B 210 24.81 -19.30 -4.40
C THR B 210 23.60 -19.63 -5.23
N VAL B 211 22.48 -18.88 -5.00
CA VAL B 211 21.24 -19.07 -5.75
C VAL B 211 21.22 -18.08 -6.93
N PRO B 212 20.81 -18.57 -8.11
CA PRO B 212 20.80 -17.80 -9.32
C PRO B 212 19.84 -16.61 -9.09
N THR B 213 20.38 -15.38 -9.14
CA THR B 213 19.66 -14.17 -8.61
C THR B 213 19.62 -13.14 -9.74
N LEU B 214 18.40 -12.78 -10.14
CA LEU B 214 18.18 -11.65 -11.02
C LEU B 214 17.68 -10.51 -10.14
N ILE B 215 18.36 -9.34 -10.20
CA ILE B 215 18.02 -8.14 -9.45
C ILE B 215 17.46 -7.19 -10.47
N ILE B 216 16.26 -6.71 -10.26
CA ILE B 216 15.77 -5.76 -11.25
C ILE B 216 15.73 -4.44 -10.51
N GLY B 217 16.47 -3.44 -11.00
CA GLY B 217 16.56 -2.11 -10.39
C GLY B 217 15.71 -1.23 -11.30
N ALA B 218 15.40 0.00 -10.81
CA ALA B 218 14.66 1.00 -11.60
C ALA B 218 15.51 2.25 -11.73
N GLU B 219 15.73 2.68 -12.96
CA GLU B 219 16.65 3.80 -13.18
C GLU B 219 16.40 5.07 -12.32
N TYR B 220 15.17 5.54 -12.20
CA TYR B 220 14.90 6.72 -11.42
C TYR B 220 14.32 6.42 -10.01
N ASP B 221 14.67 5.27 -9.46
CA ASP B 221 14.13 4.96 -8.15
C ASP B 221 14.86 5.80 -7.09
N THR B 222 14.11 6.56 -6.34
CA THR B 222 14.69 7.34 -5.30
C THR B 222 14.39 6.78 -3.93
N ILE B 223 13.78 5.59 -3.81
CA ILE B 223 13.41 5.10 -2.51
C ILE B 223 14.39 3.95 -2.22
N ALA B 224 14.62 3.10 -3.21
CA ALA B 224 15.68 1.98 -3.05
C ALA B 224 16.61 2.20 -4.21
N SER B 225 17.38 3.30 -4.18
CA SER B 225 18.09 3.72 -5.39
C SER B 225 19.09 2.62 -5.75
N VAL B 226 19.32 2.52 -7.05
CA VAL B 226 20.25 1.42 -7.52
C VAL B 226 21.67 1.61 -6.99
N THR B 227 22.04 2.86 -6.73
CA THR B 227 23.33 3.28 -6.24
C THR B 227 23.50 2.74 -4.83
N LEU B 228 22.46 2.87 -4.01
CA LEU B 228 22.51 2.52 -2.58
C LEU B 228 22.19 1.06 -2.34
N HIS B 229 21.45 0.48 -3.28
CA HIS B 229 20.84 -0.84 -2.99
C HIS B 229 21.18 -1.90 -4.03
N SER B 230 20.42 -1.93 -5.12
CA SER B 230 20.49 -2.95 -6.21
C SER B 230 21.91 -3.21 -6.67
N LYS B 231 22.66 -2.17 -7.06
CA LYS B 231 23.96 -2.39 -7.65
C LYS B 231 24.94 -2.95 -6.59
N PRO B 232 25.05 -2.33 -5.39
CA PRO B 232 25.91 -2.93 -4.35
C PRO B 232 25.56 -4.39 -4.10
N PHE B 233 24.25 -4.70 -4.11
CA PHE B 233 23.83 -6.13 -3.93
C PHE B 233 24.42 -7.03 -5.00
N TYR B 234 24.23 -6.67 -6.27
CA TYR B 234 24.74 -7.44 -7.41
C TYR B 234 26.25 -7.59 -7.39
N ASN B 235 26.94 -6.48 -7.09
CA ASN B 235 28.45 -6.49 -7.10
C ASN B 235 28.94 -7.46 -6.05
N SER B 236 28.22 -7.52 -4.95
CA SER B 236 28.68 -8.35 -3.84
C SER B 236 28.38 -9.87 -3.93
N ILE B 237 27.44 -10.28 -4.78
CA ILE B 237 27.14 -11.71 -4.97
C ILE B 237 28.42 -12.36 -5.56
N PRO B 238 28.88 -13.51 -4.98
CA PRO B 238 30.22 -13.95 -5.38
C PRO B 238 30.26 -14.62 -6.72
N SER B 239 31.39 -14.59 -7.44
CA SER B 239 31.69 -15.59 -8.49
C SER B 239 31.66 -17.04 -7.91
N PRO B 240 31.21 -18.05 -8.66
CA PRO B 240 30.60 -18.18 -9.97
C PRO B 240 29.04 -18.14 -9.90
N THR B 241 28.45 -17.57 -8.82
CA THR B 241 26.99 -17.65 -8.66
C THR B 241 26.42 -17.03 -9.93
N ASP B 242 25.40 -17.65 -10.54
CA ASP B 242 24.84 -16.98 -11.73
C ASP B 242 24.00 -15.84 -11.20
N LYS B 243 24.11 -14.67 -11.85
CA LYS B 243 23.35 -13.53 -11.46
C LYS B 243 23.21 -12.66 -12.67
N ALA B 244 22.31 -11.71 -12.54
CA ALA B 244 22.11 -10.78 -13.61
C ALA B 244 21.58 -9.51 -12.91
N TYR B 245 21.83 -8.37 -13.53
CA TYR B 245 21.30 -7.12 -13.08
C TYR B 245 20.54 -6.53 -14.26
N LEU B 246 19.31 -6.11 -14.04
CA LEU B 246 18.58 -5.51 -15.12
C LEU B 246 17.94 -4.25 -14.58
N GLU B 247 18.22 -3.13 -15.24
CA GLU B 247 17.74 -1.88 -14.80
C GLU B 247 16.68 -1.27 -15.76
N LEU B 248 15.48 -1.07 -15.25
CA LEU B 248 14.38 -0.55 -16.05
C LEU B 248 14.67 0.88 -16.39
N ASP B 249 14.60 1.15 -17.69
CA ASP B 249 14.87 2.45 -18.22
C ASP B 249 13.73 3.34 -17.82
N GLY B 250 14.05 4.47 -17.21
CA GLY B 250 13.01 5.43 -16.91
C GLY B 250 11.91 4.97 -15.97
N ALA B 251 12.18 3.93 -15.16
CA ALA B 251 11.25 3.46 -14.12
C ALA B 251 11.58 4.04 -12.74
N SER B 252 10.60 4.04 -11.86
CA SER B 252 10.68 4.61 -10.52
C SER B 252 10.48 3.40 -9.62
N HIS B 253 10.48 3.58 -8.30
CA HIS B 253 10.40 2.45 -7.30
C HIS B 253 9.22 1.52 -7.40
N PHE B 254 8.10 2.07 -7.91
CA PHE B 254 6.83 1.41 -7.86
C PHE B 254 6.47 0.73 -9.14
N ALA B 255 7.34 0.80 -10.15
CA ALA B 255 7.25 0.03 -11.42
C ALA B 255 6.83 -1.46 -11.19
N PRO B 256 7.42 -2.12 -10.19
CA PRO B 256 6.97 -3.47 -9.93
C PRO B 256 5.53 -3.63 -9.39
N ASN B 257 4.84 -2.54 -9.03
CA ASN B 257 3.49 -2.75 -8.55
C ASN B 257 2.42 -2.50 -9.66
N ILE B 258 2.83 -2.30 -10.88
CA ILE B 258 1.87 -2.11 -11.95
C ILE B 258 2.32 -3.04 -13.03
N THR B 259 1.39 -3.68 -13.74
CA THR B 259 1.70 -4.46 -14.97
C THR B 259 2.80 -3.88 -15.82
N ASN B 260 3.90 -4.61 -15.99
CA ASN B 260 5.10 -4.13 -16.59
C ASN B 260 5.64 -5.31 -17.42
N LYS B 261 5.63 -5.16 -18.74
CA LYS B 261 5.97 -6.31 -19.59
C LYS B 261 7.42 -6.74 -19.46
N THR B 262 8.30 -5.82 -19.06
CA THR B 262 9.74 -6.08 -18.97
C THR B 262 10.02 -6.89 -17.68
N ILE B 263 9.42 -6.43 -16.60
CA ILE B 263 9.53 -7.24 -15.34
C ILE B 263 8.93 -8.69 -15.56
N GLY B 264 7.72 -8.72 -16.18
CA GLY B 264 7.03 -9.97 -16.50
C GLY B 264 7.89 -10.86 -17.33
N MET B 265 8.43 -10.32 -18.43
CA MET B 265 9.19 -11.13 -19.37
C MET B 265 10.41 -11.76 -18.70
N TYR B 266 11.18 -10.91 -18.01
CA TYR B 266 12.48 -11.36 -17.50
C TYR B 266 12.39 -12.13 -16.20
N SER B 267 11.37 -11.88 -15.40
CA SER B 267 11.08 -12.77 -14.19
C SER B 267 10.73 -14.20 -14.62
N VAL B 268 9.82 -14.32 -15.59
CA VAL B 268 9.44 -15.66 -16.13
C VAL B 268 10.69 -16.32 -16.80
N ALA B 269 11.44 -15.56 -17.58
CA ALA B 269 12.61 -16.11 -18.31
C ALA B 269 13.61 -16.69 -17.28
N TRP B 270 13.82 -15.92 -16.21
CA TRP B 270 14.75 -16.31 -15.13
C TRP B 270 14.20 -17.51 -14.44
N LEU B 271 12.90 -17.47 -14.10
CA LEU B 271 12.29 -18.63 -13.36
C LEU B 271 12.30 -19.86 -14.26
N LYS B 272 12.01 -19.67 -15.55
CA LYS B 272 11.97 -20.80 -16.49
C LYS B 272 13.37 -21.46 -16.55
N ARG B 273 14.40 -20.63 -16.68
CA ARG B 273 15.80 -21.11 -16.88
C ARG B 273 16.25 -21.82 -15.60
N PHE B 274 15.89 -21.26 -14.47
CA PHE B 274 16.50 -21.86 -13.23
C PHE B 274 15.57 -22.73 -12.46
N VAL B 275 14.29 -22.34 -12.28
CA VAL B 275 13.37 -23.23 -11.63
C VAL B 275 13.06 -24.48 -12.51
N ASP B 276 12.94 -24.32 -13.84
CA ASP B 276 12.58 -25.47 -14.69
C ASP B 276 13.80 -26.03 -15.46
N GLU B 277 14.99 -25.41 -15.27
CA GLU B 277 16.22 -25.78 -16.00
C GLU B 277 15.96 -25.68 -17.51
N ASP B 278 15.08 -24.76 -17.86
CA ASP B 278 14.55 -24.74 -19.22
C ASP B 278 15.44 -23.85 -20.12
N THR B 279 16.36 -24.49 -20.86
CA THR B 279 17.33 -23.78 -21.64
C THR B 279 16.70 -23.16 -22.89
N ARG B 280 15.44 -23.43 -23.12
CA ARG B 280 14.72 -22.68 -24.20
C ARG B 280 14.66 -21.18 -23.84
N TYR B 281 14.86 -20.87 -22.58
CA TYR B 281 14.72 -19.45 -22.14
C TYR B 281 16.08 -18.67 -22.09
N THR B 282 17.20 -19.40 -22.24
CA THR B 282 18.52 -18.81 -22.26
C THR B 282 18.65 -17.67 -23.32
N GLN B 283 18.07 -17.94 -24.48
CA GLN B 283 18.07 -17.02 -25.57
C GLN B 283 17.72 -15.56 -25.16
N PHE B 284 16.84 -15.38 -24.16
CA PHE B 284 16.45 -14.02 -23.72
C PHE B 284 17.35 -13.39 -22.65
N LEU B 285 18.10 -14.22 -21.95
CA LEU B 285 18.95 -13.78 -20.87
C LEU B 285 20.43 -13.55 -21.27
N CYS B 286 20.83 -14.24 -22.34
CA CYS B 286 22.16 -14.10 -22.96
C CYS B 286 22.03 -13.85 -24.46
N PRO B 287 22.46 -12.65 -24.90
CA PRO B 287 23.29 -11.76 -24.12
C PRO B 287 22.48 -10.93 -23.10
N GLY B 288 21.22 -10.75 -23.38
CA GLY B 288 20.39 -9.90 -22.60
C GLY B 288 19.73 -8.93 -23.53
N PRO B 289 18.82 -8.14 -22.97
CA PRO B 289 18.13 -7.13 -23.73
C PRO B 289 19.12 -6.09 -24.27
N ARG B 290 18.81 -5.51 -25.43
CA ARG B 290 19.53 -4.35 -25.89
C ARG B 290 19.34 -3.23 -24.86
N THR B 291 20.40 -2.45 -24.65
CA THR B 291 20.35 -1.35 -23.70
C THR B 291 20.33 0.00 -24.44
N GLY B 292 20.03 -0.07 -25.73
CA GLY B 292 20.09 1.11 -26.59
C GLY B 292 18.89 2.03 -26.51
N LEU B 293 18.83 2.90 -27.51
CA LEU B 293 17.77 3.90 -27.69
C LEU B 293 16.36 3.30 -27.84
N LEU B 294 16.30 2.07 -28.36
CA LEU B 294 15.05 1.35 -28.58
C LEU B 294 14.39 0.90 -27.27
N SER B 295 15.21 0.77 -26.23
CA SER B 295 15.00 -0.26 -25.23
C SER B 295 14.24 0.19 -23.98
N ASP B 296 13.49 -0.76 -23.40
CA ASP B 296 12.88 -0.54 -22.12
C ASP B 296 13.93 -0.78 -21.02
N VAL B 297 15.10 -1.30 -21.41
CA VAL B 297 16.20 -1.58 -20.48
C VAL B 297 17.32 -0.56 -20.58
N GLU B 298 17.58 0.12 -19.45
CA GLU B 298 18.71 1.04 -19.30
C GLU B 298 20.08 0.32 -19.15
N GLU B 299 20.11 -0.80 -18.43
CA GLU B 299 21.36 -1.50 -18.27
C GLU B 299 21.13 -2.96 -17.97
N TYR B 300 22.02 -3.83 -18.45
CA TYR B 300 21.86 -5.26 -18.20
C TYR B 300 23.19 -5.97 -18.20
N ARG B 301 23.57 -6.56 -17.06
CA ARG B 301 24.74 -7.45 -16.99
C ARG B 301 24.15 -8.85 -16.69
N SER B 302 24.56 -9.89 -17.41
CA SER B 302 24.29 -11.27 -16.85
C SER B 302 25.48 -12.22 -16.99
N THR B 303 25.70 -13.06 -16.00
CA THR B 303 26.91 -13.91 -15.97
C THR B 303 26.80 -15.07 -16.93
N CYS B 304 26.43 -14.79 -18.20
CA CYS B 304 26.36 -15.78 -19.26
C CYS B 304 27.73 -16.44 -19.44
N PRO B 305 27.80 -17.71 -19.88
CA PRO B 305 26.66 -18.59 -20.08
C PRO B 305 26.29 -19.26 -18.72
N PHE B 306 25.12 -19.85 -18.61
CA PHE B 306 24.72 -20.45 -17.34
C PHE B 306 24.87 -21.98 -17.38
#